data_5WN2
#
_entry.id   5WN2
#
_cell.length_a   71.363
_cell.length_b   64.310
_cell.length_c   91.144
_cell.angle_alpha   90.000
_cell.angle_beta   110.140
_cell.angle_gamma   90.000
#
_symmetry.space_group_name_H-M   'P 1 21 1'
#
loop_
_entity.id
_entity.type
_entity.pdbx_description
1 polymer 'DNA-(apurinic or apyrimidinic site) lyase'
2 polymer "DNA (5'-D(P*TP*CP*GP*AP*CP*GP*GP*AP*TP*CP*C)-3')"
3 polymer "DNA (5'-D(*GP*CP*TP*GP*AP*TP*GP*CP*G)-3')"
4 polymer "DNA (5'-D(*GP*GP*AP*TP*CP*CP*GP*TP*CP*GP*AP*CP*CP*GP*CP*AP*TP*CP*AP*GP*C)-3')"
5 non-polymer 'SODIUM ION'
6 non-polymer 1,2-ETHANEDIOL
7 non-polymer '2-PHOSPHOGLYCOLIC ACID'
8 non-polymer 'CALCIUM ION'
9 water water
#
loop_
_entity_poly.entity_id
_entity_poly.type
_entity_poly.pdbx_seq_one_letter_code
_entity_poly.pdbx_strand_id
1 'polypeptide(L)'
;ALYEDPPDQKTSPSGKPATLKICSWNVDGLRAWIKKKGLDWVKEEAPDILCLQQTKCSENKLPAELQELPGLSHQYWSAP
SDKEGYSGVGLLSRQAPLKVSYGIGDEEHDQEGRVIVAEFDSFVLVTAYVPNAGRGLVRLEYRQRWDEAFRKFLKGLASR
KPLVLCGNLNVAHEEIDLRNPKGNKKNAGFTPQERQGFGELLQAVPLADSFRHLYPNTPYAYTFWTYMMNARSKNVGWRL
DYFLLSHSLLPALCDSKIRSKALGSDHCPITLYLAL
;
A,B
2 'polydeoxyribonucleotide' (DT)(DC)(DG)(DA)(DC)(DG)(DG)(DA)(DT)(DC)(DC) C
3 'polydeoxyribonucleotide' (DG)(DC)(DT)(DG)(DA)(DT)(DG)(DC)(DG) D
4 'polydeoxyribonucleotide'
;(DG)(DG)(DA)(DT)(DC)(DC)(DG)(DT)(DC)(DG)(DA)(DC)(DC)(DG)(DC)(DA)(DT)(DC)(DA)(DG)
(DC)
;
E
#
# COMPACT_ATOMS: atom_id res chain seq x y z
N ALA A 1 -23.29 -19.62 -12.05
CA ALA A 1 -22.42 -20.67 -12.56
C ALA A 1 -21.49 -21.17 -11.45
N LEU A 2 -20.86 -22.32 -11.67
CA LEU A 2 -19.99 -22.92 -10.68
C LEU A 2 -18.62 -22.26 -10.67
N TYR A 3 -17.87 -22.46 -9.58
CA TYR A 3 -16.57 -21.85 -9.40
C TYR A 3 -15.56 -22.88 -8.95
N GLU A 4 -14.40 -22.89 -9.60
CA GLU A 4 -13.25 -23.67 -9.17
C GLU A 4 -12.13 -22.74 -8.77
N ASP A 5 -11.84 -22.71 -7.48
CA ASP A 5 -10.69 -21.95 -6.99
C ASP A 5 -9.41 -22.57 -7.56
N PRO A 6 -8.52 -21.78 -8.14
CA PRO A 6 -7.33 -22.33 -8.80
C PRO A 6 -6.34 -22.90 -7.81
N PRO A 7 -5.34 -23.67 -8.28
CA PRO A 7 -4.35 -24.27 -7.37
C PRO A 7 -3.68 -23.25 -6.46
N ASP A 8 -3.13 -23.70 -5.33
CA ASP A 8 -2.47 -22.78 -4.40
C ASP A 8 -1.17 -22.30 -5.01
N GLN A 9 -1.03 -20.98 -5.12
CA GLN A 9 0.24 -20.37 -5.49
C GLN A 9 1.04 -20.14 -4.21
N LYS A 10 2.08 -20.94 -4.00
CA LYS A 10 2.87 -20.85 -2.79
C LYS A 10 4.19 -20.12 -2.99
N THR A 11 4.34 -19.35 -4.07
CA THR A 11 5.53 -18.54 -4.31
C THR A 11 5.13 -17.08 -4.49
N SER A 12 5.93 -16.19 -3.92
CA SER A 12 5.66 -14.76 -3.94
C SER A 12 6.05 -14.19 -5.29
N PRO A 13 5.74 -12.91 -5.56
CA PRO A 13 6.28 -12.31 -6.80
C PRO A 13 7.80 -12.37 -6.86
N SER A 14 8.47 -12.06 -5.74
CA SER A 14 9.92 -12.16 -5.60
C SER A 14 10.47 -13.59 -5.65
N GLY A 15 9.60 -14.57 -5.91
CA GLY A 15 10.06 -15.94 -5.87
C GLY A 15 10.28 -16.49 -4.47
N LYS A 16 9.94 -15.75 -3.44
CA LYS A 16 10.17 -16.27 -2.09
C LYS A 16 9.07 -17.24 -1.71
N PRO A 17 9.41 -18.32 -1.01
CA PRO A 17 8.42 -19.36 -0.66
C PRO A 17 7.52 -18.92 0.49
N ALA A 18 6.23 -19.24 0.35
CA ALA A 18 5.27 -18.97 1.44
C ALA A 18 5.77 -19.54 2.76
N THR A 19 5.80 -18.70 3.80
CA THR A 19 6.19 -19.11 5.16
C THR A 19 5.04 -19.09 6.14
N LEU A 20 3.88 -18.57 5.77
CA LEU A 20 2.79 -18.34 6.72
C LEU A 20 1.47 -18.71 6.06
N LYS A 21 0.72 -19.61 6.67
CA LYS A 21 -0.58 -20.03 6.15
C LYS A 21 -1.63 -19.71 7.20
N ILE A 22 -2.53 -18.78 6.87
CA ILE A 22 -3.61 -18.38 7.76
C ILE A 22 -4.93 -18.86 7.16
N CYS A 23 -5.74 -19.53 7.98
CA CYS A 23 -7.06 -19.96 7.60
C CYS A 23 -8.09 -19.23 8.46
N SER A 24 -9.16 -18.76 7.83
CA SER A 24 -10.23 -18.06 8.49
C SER A 24 -11.56 -18.72 8.17
N TRP A 25 -12.38 -18.96 9.18
CA TRP A 25 -13.60 -19.72 8.94
C TRP A 25 -14.71 -19.27 9.89
N ASN A 26 -15.84 -18.82 9.31
CA ASN A 26 -17.05 -18.56 10.07
C ASN A 26 -17.75 -19.90 10.31
N VAL A 27 -17.56 -20.47 11.49
CA VAL A 27 -17.96 -21.85 11.75
C VAL A 27 -19.44 -22.01 12.09
N ASP A 28 -20.12 -20.94 12.49
CA ASP A 28 -21.56 -20.95 12.73
C ASP A 28 -21.97 -22.05 13.73
N GLY A 29 -21.43 -21.94 14.94
CA GLY A 29 -21.61 -22.96 15.95
C GLY A 29 -20.39 -23.88 16.06
N LEU A 30 -19.43 -23.48 16.92
CA LEU A 30 -18.21 -24.26 17.11
C LEU A 30 -18.53 -25.72 17.39
N ARG A 31 -19.46 -25.97 18.30
CA ARG A 31 -19.71 -27.35 18.72
C ARG A 31 -20.32 -28.16 17.58
N ALA A 32 -21.30 -27.59 16.87
CA ALA A 32 -21.88 -28.26 15.72
C ALA A 32 -20.85 -28.49 14.62
N TRP A 33 -20.02 -27.48 14.37
CA TRP A 33 -19.07 -27.54 13.26
C TRP A 33 -18.06 -28.66 13.48
N ILE A 34 -17.67 -28.88 14.74
CA ILE A 34 -16.76 -29.98 15.07
C ILE A 34 -17.46 -31.32 14.90
N LYS A 35 -18.74 -31.39 15.26
CA LYS A 35 -19.47 -32.63 15.04
C LYS A 35 -19.53 -32.95 13.54
N LYS A 36 -19.52 -31.92 12.70
CA LYS A 36 -19.56 -32.11 11.26
C LYS A 36 -18.17 -32.17 10.63
N LYS A 37 -17.14 -32.36 11.46
CA LYS A 37 -15.77 -32.77 11.10
C LYS A 37 -14.94 -31.60 10.60
N GLY A 38 -15.25 -30.40 11.09
CA GLY A 38 -14.51 -29.21 10.72
C GLY A 38 -13.05 -29.22 11.13
N LEU A 39 -12.75 -29.79 12.31
CA LEU A 39 -11.37 -29.87 12.76
C LEU A 39 -10.56 -30.91 11.99
N ASP A 40 -11.23 -31.94 11.45
CA ASP A 40 -10.56 -32.84 10.51
C ASP A 40 -10.11 -32.08 9.27
N TRP A 41 -11.00 -31.25 8.73
CA TRP A 41 -10.58 -30.43 7.60
C TRP A 41 -9.42 -29.54 7.99
N VAL A 42 -9.48 -28.92 9.17
CA VAL A 42 -8.41 -28.03 9.62
C VAL A 42 -7.07 -28.77 9.70
N LYS A 43 -7.08 -30.01 10.18
CA LYS A 43 -5.81 -30.74 10.31
C LYS A 43 -5.20 -31.03 8.94
N GLU A 44 -6.04 -31.38 7.96
CA GLU A 44 -5.53 -31.55 6.59
C GLU A 44 -5.04 -30.26 5.99
N GLU A 45 -5.71 -29.14 6.28
CA GLU A 45 -5.28 -27.86 5.74
C GLU A 45 -4.03 -27.34 6.46
N ALA A 46 -3.86 -27.72 7.73
CA ALA A 46 -2.63 -27.48 8.47
C ALA A 46 -2.16 -26.00 8.45
N PRO A 47 -3.03 -25.08 8.84
CA PRO A 47 -2.60 -23.67 8.89
C PRO A 47 -1.74 -23.41 10.11
N ASP A 48 -0.87 -22.41 9.99
CA ASP A 48 -0.14 -21.91 11.15
C ASP A 48 -1.04 -21.15 12.09
N ILE A 49 -2.11 -20.54 11.57
CA ILE A 49 -3.02 -19.72 12.35
C ILE A 49 -4.43 -19.95 11.83
N LEU A 50 -5.35 -20.16 12.75
CA LEU A 50 -6.74 -20.42 12.44
C LEU A 50 -7.59 -19.39 13.18
N CYS A 51 -8.40 -18.66 12.43
CA CYS A 51 -9.33 -17.68 12.99
C CYS A 51 -10.75 -18.20 12.78
N LEU A 52 -11.54 -18.24 13.84
CA LEU A 52 -12.91 -18.73 13.74
C LEU A 52 -13.86 -17.62 14.15
N GLN A 53 -14.97 -17.54 13.42
CA GLN A 53 -16.00 -16.57 13.75
C GLN A 53 -17.32 -17.29 13.98
N GLN A 54 -18.17 -16.65 14.78
CA GLN A 54 -19.45 -17.20 15.22
C GLN A 54 -19.28 -18.56 15.89
N THR A 55 -18.49 -18.58 16.96
CA THR A 55 -18.31 -19.83 17.69
C THR A 55 -19.57 -20.24 18.44
N LYS A 56 -20.34 -19.26 18.95
CA LYS A 56 -21.59 -19.52 19.65
C LYS A 56 -21.35 -20.48 20.82
N CYS A 57 -20.35 -20.14 21.64
CA CYS A 57 -19.84 -21.05 22.66
C CYS A 57 -19.01 -20.29 23.69
N SER A 58 -19.36 -20.46 24.93
CA SER A 58 -18.66 -19.88 26.04
C SER A 58 -17.40 -20.66 26.27
N GLU A 59 -16.46 -20.07 26.98
CA GLU A 59 -15.21 -20.74 27.24
C GLU A 59 -15.31 -22.00 28.05
N ASN A 60 -16.12 -21.99 29.08
CA ASN A 60 -16.29 -23.16 29.89
C ASN A 60 -16.91 -24.28 29.11
N LYS A 61 -17.35 -24.01 27.89
CA LYS A 61 -17.98 -25.08 27.11
C LYS A 61 -17.18 -25.47 25.87
N LEU A 62 -15.93 -25.00 25.76
CA LEU A 62 -15.08 -25.34 24.63
C LEU A 62 -14.85 -26.85 24.53
N PRO A 63 -15.22 -27.48 23.42
CA PRO A 63 -15.14 -28.94 23.34
C PRO A 63 -13.71 -29.45 23.41
N ALA A 64 -13.60 -30.72 23.82
CA ALA A 64 -12.32 -31.33 24.14
C ALA A 64 -11.46 -31.54 22.91
N GLU A 65 -12.06 -31.61 21.72
CA GLU A 65 -11.28 -31.82 20.51
C GLU A 65 -10.25 -30.73 20.31
N LEU A 66 -10.49 -29.54 20.90
CA LEU A 66 -9.54 -28.44 20.82
C LEU A 66 -8.19 -28.81 21.41
N GLN A 67 -8.18 -29.69 22.42
CA GLN A 67 -6.95 -30.17 23.03
C GLN A 67 -6.24 -31.22 22.17
N GLU A 68 -6.77 -31.52 20.97
CA GLU A 68 -6.20 -32.47 20.02
C GLU A 68 -5.59 -31.76 18.81
N LEU A 69 -5.08 -30.54 19.01
CA LEU A 69 -4.53 -29.70 17.95
C LEU A 69 -3.11 -29.29 18.32
N PRO A 70 -2.15 -30.21 18.18
CA PRO A 70 -0.79 -29.91 18.68
C PRO A 70 -0.10 -28.82 17.89
N GLY A 71 -0.45 -28.65 16.61
CA GLY A 71 0.08 -27.56 15.82
C GLY A 71 -0.59 -26.22 16.01
N LEU A 72 -1.58 -26.12 16.90
CA LEU A 72 -2.32 -24.87 17.12
C LEU A 72 -2.56 -24.67 18.61
N SER A 73 -1.50 -24.86 19.42
CA SER A 73 -1.66 -24.99 20.86
C SER A 73 -1.97 -23.69 21.59
N HIS A 74 -1.73 -22.53 20.96
CA HIS A 74 -2.00 -21.24 21.59
C HIS A 74 -3.35 -20.75 21.10
N GLN A 75 -4.32 -20.72 22.02
CA GLN A 75 -5.70 -20.51 21.65
C GLN A 75 -6.28 -19.39 22.50
N TYR A 76 -7.03 -18.50 21.85
CA TYR A 76 -7.57 -17.31 22.48
C TYR A 76 -9.02 -17.17 22.06
N TRP A 77 -9.87 -16.81 23.00
CA TRP A 77 -11.30 -16.85 22.77
C TRP A 77 -11.93 -15.57 23.27
N SER A 78 -13.03 -15.20 22.63
CA SER A 78 -13.78 -14.04 23.09
C SER A 78 -15.24 -14.27 22.78
N ALA A 79 -16.05 -14.15 23.81
CA ALA A 79 -17.49 -14.36 23.77
C ALA A 79 -18.17 -13.10 24.30
N PRO A 80 -19.45 -12.96 24.08
CA PRO A 80 -20.14 -11.79 24.58
C PRO A 80 -20.34 -11.96 26.05
N SER A 81 -20.61 -10.86 26.71
CA SER A 81 -20.84 -10.93 28.12
C SER A 81 -22.30 -11.23 28.36
N ASP A 82 -23.17 -10.48 27.74
CA ASP A 82 -24.59 -10.65 28.01
C ASP A 82 -25.36 -11.69 27.27
N LYS A 83 -24.97 -12.03 26.05
CA LYS A 83 -25.72 -12.98 25.27
C LYS A 83 -25.05 -14.33 25.19
N GLU A 84 -25.84 -15.37 25.36
CA GLU A 84 -25.36 -16.73 25.32
C GLU A 84 -25.60 -17.34 23.99
N GLY A 85 -24.60 -18.00 23.43
CA GLY A 85 -24.73 -18.65 22.15
C GLY A 85 -24.82 -17.69 20.99
N TYR A 86 -24.14 -16.56 21.08
CA TYR A 86 -24.20 -15.46 20.14
C TYR A 86 -22.77 -15.07 19.81
N SER A 87 -22.53 -14.67 18.55
CA SER A 87 -21.20 -14.27 18.13
C SER A 87 -20.11 -15.22 18.60
N GLY A 88 -18.99 -14.63 19.01
CA GLY A 88 -17.87 -15.36 19.52
C GLY A 88 -16.86 -15.63 18.43
N VAL A 89 -15.58 -15.42 18.74
CA VAL A 89 -14.50 -15.62 17.79
C VAL A 89 -13.36 -16.32 18.51
N GLY A 90 -12.54 -17.00 17.72
CA GLY A 90 -11.37 -17.67 18.24
C GLY A 90 -10.19 -17.46 17.34
N LEU A 91 -9.01 -17.50 17.94
CA LEU A 91 -7.75 -17.43 17.22
C LEU A 91 -6.81 -18.44 17.83
N LEU A 92 -6.30 -19.34 16.98
CA LEU A 92 -5.42 -20.43 17.39
C LEU A 92 -4.19 -20.35 16.52
N SER A 93 -3.01 -20.40 17.13
CA SER A 93 -1.78 -20.19 16.39
CA SER A 93 -1.77 -20.17 16.42
C SER A 93 -0.72 -21.20 16.80
N ARG A 94 0.10 -21.59 15.82
CA ARG A 94 1.21 -22.50 16.10
C ARG A 94 2.17 -21.89 17.12
N GLN A 95 2.52 -20.62 16.93
CA GLN A 95 3.46 -19.92 17.79
C GLN A 95 2.71 -18.93 18.67
N ALA A 96 3.23 -18.69 19.86
CA ALA A 96 2.61 -17.71 20.74
C ALA A 96 2.79 -16.32 20.13
N PRO A 97 1.71 -15.56 19.95
CA PRO A 97 1.87 -14.14 19.60
C PRO A 97 2.68 -13.40 20.66
N LEU A 98 3.07 -12.18 20.31
CA LEU A 98 3.78 -11.33 21.27
C LEU A 98 2.81 -10.71 22.26
N LYS A 99 1.63 -10.32 21.78
CA LYS A 99 0.59 -9.71 22.59
C LYS A 99 -0.75 -10.11 21.98
N VAL A 100 -1.74 -10.31 22.83
CA VAL A 100 -3.10 -10.62 22.40
C VAL A 100 -4.05 -9.66 23.11
N SER A 101 -4.92 -9.00 22.35
CA SER A 101 -5.94 -8.15 22.93
C SER A 101 -7.29 -8.48 22.32
N TYR A 102 -8.32 -7.77 22.80
CA TYR A 102 -9.71 -8.08 22.50
C TYR A 102 -10.47 -6.78 22.24
N GLY A 103 -11.33 -6.78 21.21
CA GLY A 103 -12.11 -5.60 20.88
C GLY A 103 -11.28 -4.49 20.23
N ILE A 104 -11.93 -3.34 20.07
CA ILE A 104 -11.36 -2.24 19.32
C ILE A 104 -11.13 -1.01 20.18
N GLY A 105 -11.23 -1.13 21.50
CA GLY A 105 -10.97 0.01 22.38
C GLY A 105 -12.07 1.04 22.42
N ASP A 106 -13.30 0.62 22.14
CA ASP A 106 -14.50 1.44 22.15
C ASP A 106 -15.55 0.56 22.81
N GLU A 107 -16.04 0.95 23.99
CA GLU A 107 -16.85 -0.03 24.72
C GLU A 107 -18.26 -0.18 24.17
N GLU A 108 -18.72 0.74 23.31
CA GLU A 108 -20.00 0.53 22.62
C GLU A 108 -19.93 -0.71 21.74
N HIS A 109 -18.74 -1.06 21.24
CA HIS A 109 -18.57 -2.09 20.23
C HIS A 109 -17.84 -3.32 20.73
N ASP A 110 -17.44 -3.35 22.00
CA ASP A 110 -16.65 -4.44 22.57
C ASP A 110 -17.46 -5.32 23.53
N GLN A 111 -18.79 -5.35 23.40
CA GLN A 111 -19.62 -6.19 24.26
C GLN A 111 -19.94 -7.55 23.67
N GLU A 112 -19.77 -7.75 22.36
CA GLU A 112 -20.35 -8.89 21.67
C GLU A 112 -19.33 -9.93 21.25
N GLY A 113 -18.10 -9.89 21.77
CA GLY A 113 -17.11 -10.91 21.51
C GLY A 113 -16.85 -11.08 20.02
N ARG A 114 -16.39 -10.02 19.37
CA ARG A 114 -16.30 -9.96 17.92
C ARG A 114 -14.90 -9.80 17.37
N VAL A 115 -13.92 -9.41 18.17
CA VAL A 115 -12.59 -9.05 17.66
C VAL A 115 -11.51 -9.62 18.57
N ILE A 116 -10.51 -10.27 17.96
CA ILE A 116 -9.26 -10.61 18.62
C ILE A 116 -8.12 -9.97 17.83
N VAL A 117 -7.06 -9.56 18.54
CA VAL A 117 -5.91 -8.90 17.93
C VAL A 117 -4.64 -9.60 18.41
N ALA A 118 -3.89 -10.17 17.46
CA ALA A 118 -2.72 -10.99 17.76
C ALA A 118 -1.50 -10.39 17.08
N GLU A 119 -0.56 -9.88 17.89
CA GLU A 119 0.63 -9.24 17.34
C GLU A 119 1.78 -10.24 17.21
N PHE A 120 2.39 -10.28 16.04
CA PHE A 120 3.54 -11.11 15.75
C PHE A 120 4.74 -10.21 15.43
N ASP A 121 5.88 -10.83 15.14
CA ASP A 121 7.09 -10.07 14.85
C ASP A 121 6.88 -9.06 13.73
N SER A 122 6.42 -9.56 12.57
CA SER A 122 6.38 -8.78 11.34
C SER A 122 5.03 -8.12 11.07
N PHE A 123 3.98 -8.47 11.81
CA PHE A 123 2.66 -8.01 11.43
C PHE A 123 1.70 -8.17 12.59
N VAL A 124 0.58 -7.50 12.48
CA VAL A 124 -0.51 -7.64 13.44
C VAL A 124 -1.68 -8.27 12.71
N LEU A 125 -2.33 -9.24 13.38
CA LEU A 125 -3.48 -9.96 12.85
C LEU A 125 -4.72 -9.57 13.63
N VAL A 126 -5.79 -9.27 12.90
CA VAL A 126 -7.09 -9.00 13.48
C VAL A 126 -8.05 -9.97 12.83
N THR A 127 -8.74 -10.78 13.63
CA THR A 127 -9.89 -11.51 13.14
C THR A 127 -11.14 -10.88 13.73
N ALA A 128 -12.16 -10.73 12.90
CA ALA A 128 -13.33 -9.92 13.19
C ALA A 128 -14.57 -10.67 12.74
N TYR A 129 -15.63 -10.60 13.56
CA TYR A 129 -16.97 -10.98 13.15
C TYR A 129 -17.84 -9.74 13.21
N VAL A 130 -18.13 -9.17 12.04
CA VAL A 130 -18.71 -7.84 11.86
C VAL A 130 -20.22 -7.90 12.03
N PRO A 131 -20.85 -6.99 12.76
CA PRO A 131 -22.30 -7.10 13.02
C PRO A 131 -23.11 -7.10 11.74
N ASN A 132 -23.80 -8.21 11.52
CA ASN A 132 -24.86 -8.26 10.53
C ASN A 132 -25.90 -7.17 10.81
N ALA A 133 -26.37 -6.52 9.75
CA ALA A 133 -27.32 -5.43 9.84
C ALA A 133 -28.75 -5.91 10.05
N GLY A 134 -29.01 -7.21 9.93
CA GLY A 134 -30.28 -7.77 10.31
C GLY A 134 -31.34 -7.67 9.22
N ARG A 135 -32.29 -8.60 9.27
CA ARG A 135 -33.44 -8.50 8.39
C ARG A 135 -34.28 -7.28 8.76
N GLY A 136 -34.84 -6.61 7.76
CA GLY A 136 -35.43 -5.30 7.96
C GLY A 136 -34.43 -4.19 8.20
N LEU A 137 -33.13 -4.48 8.15
CA LEU A 137 -32.07 -3.50 8.39
C LEU A 137 -32.18 -2.89 9.79
N VAL A 138 -32.86 -3.58 10.66
CA VAL A 138 -33.03 -3.17 12.10
C VAL A 138 -31.76 -2.79 12.99
N ARG A 139 -30.66 -3.16 12.35
CA ARG A 139 -29.35 -2.87 12.86
C ARG A 139 -28.40 -2.14 11.91
N LEU A 140 -28.85 -1.75 10.74
CA LEU A 140 -27.99 -1.06 9.81
C LEU A 140 -27.37 0.18 10.42
N GLU A 141 -28.16 0.93 11.19
CA GLU A 141 -27.67 2.16 11.79
C GLU A 141 -26.53 1.88 12.76
N TYR A 142 -26.74 0.92 13.66
CA TYR A 142 -25.65 0.46 14.52
C TYR A 142 -24.43 0.00 13.71
N ARG A 143 -24.66 -0.66 12.58
CA ARG A 143 -23.51 -1.17 11.83
C ARG A 143 -22.72 -0.06 11.16
N GLN A 144 -23.37 1.04 10.77
CA GLN A 144 -22.60 2.18 10.30
C GLN A 144 -21.77 2.80 11.42
N ARG A 145 -22.30 2.82 12.66
CA ARG A 145 -21.47 3.19 13.79
C ARG A 145 -20.31 2.23 13.95
N TRP A 146 -20.57 0.93 13.76
CA TRP A 146 -19.49 -0.04 13.84
C TRP A 146 -18.42 0.23 12.79
N ASP A 147 -18.81 0.31 11.51
CA ASP A 147 -17.84 0.53 10.44
C ASP A 147 -16.98 1.75 10.74
N GLU A 148 -17.58 2.83 11.24
CA GLU A 148 -16.83 4.04 11.52
C GLU A 148 -15.76 3.81 12.58
N ALA A 149 -16.16 3.26 13.75
CA ALA A 149 -15.20 3.04 14.82
C ALA A 149 -14.18 1.96 14.45
N PHE A 150 -14.58 0.95 13.68
CA PHE A 150 -13.67 -0.13 13.32
C PHE A 150 -12.63 0.36 12.32
N ARG A 151 -13.09 1.10 11.31
CA ARG A 151 -12.18 1.79 10.40
C ARG A 151 -11.13 2.58 11.16
N LYS A 152 -11.57 3.51 12.03
CA LYS A 152 -10.63 4.30 12.82
C LYS A 152 -9.64 3.42 13.57
N PHE A 153 -10.13 2.39 14.27
CA PHE A 153 -9.26 1.50 15.04
C PHE A 153 -8.25 0.79 14.14
N LEU A 154 -8.71 0.28 12.99
CA LEU A 154 -7.80 -0.40 12.08
C LEU A 154 -6.74 0.55 11.55
N LYS A 155 -7.13 1.78 11.19
CA LYS A 155 -6.16 2.76 10.71
C LYS A 155 -5.01 2.97 11.69
N GLY A 156 -5.33 3.10 12.98
CA GLY A 156 -4.29 3.25 13.98
C GLY A 156 -3.38 2.05 14.08
N LEU A 157 -3.93 0.85 13.91
CA LEU A 157 -3.15 -0.38 13.99
C LEU A 157 -2.14 -0.46 12.85
N ALA A 158 -2.63 -0.27 11.61
CA ALA A 158 -1.79 -0.33 10.43
C ALA A 158 -0.72 0.76 10.41
N SER A 159 -0.94 1.86 11.11
CA SER A 159 0.07 2.90 11.16
C SER A 159 1.29 2.51 12.00
N ARG A 160 1.25 1.39 12.73
CA ARG A 160 2.40 0.94 13.48
C ARG A 160 3.03 -0.34 12.95
N LYS A 161 2.27 -1.15 12.20
CA LYS A 161 2.76 -2.46 11.81
C LYS A 161 1.92 -2.93 10.63
N PRO A 162 2.49 -3.70 9.71
CA PRO A 162 1.66 -4.32 8.67
C PRO A 162 0.47 -5.07 9.27
N LEU A 163 -0.71 -4.82 8.71
CA LEU A 163 -1.94 -5.34 9.25
C LEU A 163 -2.53 -6.38 8.30
N VAL A 164 -2.89 -7.54 8.85
CA VAL A 164 -3.75 -8.51 8.20
C VAL A 164 -5.09 -8.49 8.92
N LEU A 165 -6.18 -8.35 8.18
CA LEU A 165 -7.52 -8.42 8.75
C LEU A 165 -8.27 -9.56 8.06
N CYS A 166 -8.83 -10.47 8.86
CA CYS A 166 -9.58 -11.57 8.29
C CYS A 166 -10.85 -11.81 9.08
N GLY A 167 -11.82 -12.38 8.37
CA GLY A 167 -13.01 -12.89 9.00
C GLY A 167 -14.22 -12.69 8.11
N ASN A 168 -15.38 -12.81 8.74
CA ASN A 168 -16.67 -12.53 8.13
C ASN A 168 -16.94 -11.04 8.28
N LEU A 169 -16.76 -10.29 7.20
CA LEU A 169 -16.99 -8.86 7.28
C LEU A 169 -18.39 -8.44 6.88
N ASN A 170 -19.27 -9.41 6.58
CA ASN A 170 -20.70 -9.19 6.37
C ASN A 170 -21.00 -8.05 5.39
N VAL A 171 -20.26 -8.04 4.29
CA VAL A 171 -20.60 -7.18 3.17
C VAL A 171 -20.02 -7.76 1.88
N ALA A 172 -20.83 -7.82 0.84
CA ALA A 172 -20.33 -8.02 -0.51
C ALA A 172 -20.03 -6.63 -1.07
N HIS A 173 -18.73 -6.33 -1.23
CA HIS A 173 -18.31 -4.99 -1.62
C HIS A 173 -18.94 -4.56 -2.94
N GLU A 174 -18.77 -5.35 -3.98
CA GLU A 174 -19.18 -4.99 -5.33
C GLU A 174 -20.14 -6.03 -5.90
N GLU A 175 -20.77 -5.66 -7.03
CA GLU A 175 -21.78 -6.51 -7.66
C GLU A 175 -21.22 -7.89 -7.97
N ILE A 176 -19.95 -7.95 -8.36
CA ILE A 176 -19.27 -9.21 -8.65
C ILE A 176 -19.18 -10.12 -7.42
N ASP A 177 -19.40 -9.61 -6.23
CA ASP A 177 -19.20 -10.40 -5.02
C ASP A 177 -20.45 -11.08 -4.51
N LEU A 178 -21.56 -11.05 -5.26
CA LEU A 178 -22.69 -11.88 -4.93
C LEU A 178 -23.42 -12.27 -6.21
N ARG A 179 -24.23 -13.33 -6.10
CA ARG A 179 -24.88 -13.87 -7.27
C ARG A 179 -26.05 -13.02 -7.73
N ASN A 180 -26.80 -12.46 -6.79
CA ASN A 180 -28.00 -11.69 -7.10
C ASN A 180 -27.89 -10.27 -6.56
N PRO A 181 -27.06 -9.43 -7.19
CA PRO A 181 -26.94 -8.04 -6.69
C PRO A 181 -28.19 -7.21 -6.88
N LYS A 182 -28.87 -7.31 -8.02
CA LYS A 182 -30.01 -6.42 -8.26
C LYS A 182 -31.10 -6.65 -7.21
N GLY A 183 -31.39 -7.91 -6.88
CA GLY A 183 -32.41 -8.17 -5.88
C GLY A 183 -32.00 -7.86 -4.45
N ASN A 184 -30.74 -7.53 -4.21
CA ASN A 184 -30.26 -7.47 -2.83
C ASN A 184 -29.82 -6.08 -2.37
N LYS A 185 -30.11 -5.04 -3.15
CA LYS A 185 -29.67 -3.69 -2.81
C LYS A 185 -30.23 -3.17 -1.49
N LYS A 186 -31.33 -3.75 -0.98
CA LYS A 186 -31.89 -3.31 0.29
C LYS A 186 -31.76 -4.35 1.39
N ASN A 187 -30.95 -5.38 1.19
CA ASN A 187 -30.79 -6.43 2.18
C ASN A 187 -29.43 -6.34 2.85
N ALA A 188 -29.41 -6.78 4.12
CA ALA A 188 -28.19 -6.86 4.90
C ALA A 188 -27.03 -7.44 4.10
N GLY A 189 -25.92 -6.71 4.07
CA GLY A 189 -24.74 -7.16 3.39
C GLY A 189 -24.56 -6.63 1.98
N PHE A 190 -25.55 -5.95 1.41
CA PHE A 190 -25.32 -5.29 0.13
C PHE A 190 -26.04 -3.95 0.07
N THR A 191 -26.25 -3.29 1.21
CA THR A 191 -26.80 -1.96 1.18
C THR A 191 -25.75 -0.98 0.68
N PRO A 192 -26.18 0.15 0.12
CA PRO A 192 -25.19 1.19 -0.19
C PRO A 192 -24.38 1.60 1.01
N GLN A 193 -24.97 1.66 2.21
CA GLN A 193 -24.18 2.09 3.36
C GLN A 193 -23.16 1.05 3.79
N GLU A 194 -23.42 -0.24 3.57
CA GLU A 194 -22.37 -1.20 3.89
C GLU A 194 -21.30 -1.23 2.81
N ARG A 195 -21.70 -1.07 1.54
CA ARG A 195 -20.72 -1.08 0.46
C ARG A 195 -19.79 0.13 0.55
N GLN A 196 -20.32 1.32 0.87
CA GLN A 196 -19.46 2.49 1.07
C GLN A 196 -18.55 2.30 2.28
N GLY A 197 -19.10 1.76 3.37
CA GLY A 197 -18.28 1.51 4.55
C GLY A 197 -17.07 0.66 4.23
N PHE A 198 -17.24 -0.37 3.41
CA PHE A 198 -16.12 -1.22 3.01
C PHE A 198 -15.18 -0.48 2.06
N GLY A 199 -15.74 0.30 1.13
CA GLY A 199 -14.90 1.15 0.29
C GLY A 199 -14.11 2.16 1.08
N GLU A 200 -14.76 2.81 2.07
N GLU A 200 -14.74 2.79 2.08
CA GLU A 200 -14.05 3.72 2.96
CA GLU A 200 -14.03 3.72 2.94
C GLU A 200 -12.91 3.00 3.68
C GLU A 200 -12.92 3.01 3.71
N LEU A 201 -13.16 1.77 4.12
CA LEU A 201 -12.14 1.02 4.85
C LEU A 201 -10.93 0.73 3.97
N LEU A 202 -11.16 0.31 2.72
CA LEU A 202 -10.06 0.08 1.80
C LEU A 202 -9.28 1.36 1.53
N GLN A 203 -9.98 2.50 1.47
CA GLN A 203 -9.33 3.74 1.08
C GLN A 203 -8.63 4.45 2.24
N ALA A 204 -9.15 4.32 3.47
CA ALA A 204 -8.68 5.12 4.58
C ALA A 204 -7.49 4.50 5.32
N VAL A 205 -7.45 3.18 5.46
CA VAL A 205 -6.41 2.55 6.29
C VAL A 205 -5.00 2.69 5.69
N PRO A 206 -4.81 2.44 4.39
CA PRO A 206 -5.61 1.79 3.36
C PRO A 206 -5.37 0.30 3.46
N LEU A 207 -6.23 -0.50 2.84
CA LEU A 207 -6.06 -1.95 2.84
C LEU A 207 -6.46 -2.46 1.46
N ALA A 208 -5.85 -3.58 1.06
CA ALA A 208 -6.21 -4.23 -0.19
C ALA A 208 -7.01 -5.48 0.09
N ASP A 209 -8.00 -5.71 -0.74
CA ASP A 209 -8.76 -6.95 -0.76
C ASP A 209 -7.90 -7.99 -1.45
N SER A 210 -7.24 -8.84 -0.66
CA SER A 210 -6.23 -9.75 -1.20
C SER A 210 -6.77 -10.53 -2.38
N PHE A 211 -7.93 -11.18 -2.21
CA PHE A 211 -8.51 -11.97 -3.30
C PHE A 211 -8.69 -11.13 -4.54
N ARG A 212 -9.32 -9.97 -4.37
CA ARG A 212 -9.59 -9.05 -5.46
C ARG A 212 -8.31 -8.63 -6.16
N HIS A 213 -7.30 -8.28 -5.36
CA HIS A 213 -6.04 -7.85 -5.92
C HIS A 213 -5.46 -8.90 -6.85
N LEU A 214 -5.71 -10.20 -6.58
CA LEU A 214 -5.14 -11.26 -7.40
C LEU A 214 -6.08 -11.76 -8.49
N TYR A 215 -7.38 -11.60 -8.32
CA TYR A 215 -8.38 -12.09 -9.29
C TYR A 215 -9.41 -10.99 -9.51
N PRO A 216 -9.00 -9.84 -10.07
CA PRO A 216 -9.92 -8.71 -10.22
C PRO A 216 -11.13 -9.03 -11.09
N ASN A 217 -11.02 -9.97 -12.01
CA ASN A 217 -12.06 -10.18 -13.00
C ASN A 217 -12.85 -11.45 -12.78
N THR A 218 -12.67 -12.07 -11.62
CA THR A 218 -13.20 -13.40 -11.33
C THR A 218 -14.57 -13.32 -10.64
N PRO A 219 -15.67 -13.61 -11.36
CA PRO A 219 -16.98 -13.63 -10.72
C PRO A 219 -17.27 -15.00 -10.14
N TYR A 220 -18.43 -15.17 -9.50
CA TYR A 220 -18.94 -16.44 -8.99
C TYR A 220 -18.12 -17.00 -7.83
N ALA A 221 -17.28 -16.19 -7.21
CA ALA A 221 -16.41 -16.65 -6.14
C ALA A 221 -16.96 -16.14 -4.82
N TYR A 222 -17.51 -17.05 -4.01
CA TYR A 222 -18.29 -16.71 -2.83
C TYR A 222 -17.81 -17.51 -1.62
N THR A 223 -18.13 -17.00 -0.42
CA THR A 223 -17.80 -17.69 0.81
C THR A 223 -19.02 -18.01 1.67
N PHE A 224 -20.22 -17.50 1.34
CA PHE A 224 -21.43 -17.79 2.08
C PHE A 224 -22.56 -18.13 1.11
N TRP A 225 -23.35 -19.13 1.48
CA TRP A 225 -24.55 -19.51 0.76
C TRP A 225 -25.62 -19.87 1.78
N THR A 226 -26.79 -19.24 1.70
CA THR A 226 -27.86 -19.59 2.63
C THR A 226 -28.10 -21.09 2.63
N TYR A 227 -28.36 -21.63 3.83
CA TYR A 227 -28.83 -23.01 3.94
C TYR A 227 -30.10 -23.25 3.15
N MET A 228 -30.88 -22.22 2.86
CA MET A 228 -32.17 -22.43 2.25
C MET A 228 -32.05 -22.58 0.72
N MET A 229 -33.12 -23.09 0.13
CA MET A 229 -33.33 -23.18 -1.32
C MET A 229 -32.18 -23.83 -2.07
N ASN A 230 -31.36 -24.62 -1.38
CA ASN A 230 -30.25 -25.35 -2.00
C ASN A 230 -29.22 -24.43 -2.62
N ALA A 231 -29.01 -23.27 -1.99
CA ALA A 231 -28.22 -22.23 -2.61
C ALA A 231 -26.78 -22.68 -2.87
N ARG A 232 -26.17 -23.38 -1.90
CA ARG A 232 -24.78 -23.77 -2.05
C ARG A 232 -24.55 -24.61 -3.31
N SER A 233 -25.38 -25.63 -3.52
CA SER A 233 -25.15 -26.50 -4.67
C SER A 233 -25.42 -25.78 -5.99
N LYS A 234 -26.23 -24.73 -5.97
CA LYS A 234 -26.44 -23.85 -7.12
C LYS A 234 -25.40 -22.73 -7.21
N ASN A 235 -24.52 -22.60 -6.23
CA ASN A 235 -23.58 -21.49 -6.11
C ASN A 235 -24.29 -20.12 -6.12
N VAL A 236 -25.42 -20.04 -5.43
CA VAL A 236 -26.09 -18.76 -5.20
C VAL A 236 -25.56 -18.22 -3.88
N GLY A 237 -24.42 -17.51 -3.94
CA GLY A 237 -23.70 -17.14 -2.74
C GLY A 237 -23.27 -15.69 -2.73
N TRP A 238 -22.60 -15.31 -1.63
CA TRP A 238 -22.03 -14.00 -1.37
C TRP A 238 -20.59 -14.18 -0.95
N ARG A 239 -19.69 -13.29 -1.39
CA ARG A 239 -18.34 -13.26 -0.85
C ARG A 239 -18.34 -12.31 0.35
N LEU A 240 -18.33 -12.89 1.55
CA LEU A 240 -18.43 -12.10 2.78
C LEU A 240 -17.20 -12.20 3.66
N ASP A 241 -16.28 -13.11 3.33
CA ASP A 241 -15.13 -13.44 4.16
C ASP A 241 -13.87 -13.00 3.42
N TYR A 242 -13.05 -12.17 4.08
CA TYR A 242 -11.93 -11.53 3.39
C TYR A 242 -10.64 -11.68 4.19
N PHE A 243 -9.53 -11.63 3.45
CA PHE A 243 -8.24 -11.22 4.00
C PHE A 243 -7.92 -9.84 3.44
N LEU A 244 -7.89 -8.83 4.30
CA LEU A 244 -7.54 -7.48 3.93
C LEU A 244 -6.10 -7.21 4.40
N LEU A 245 -5.29 -6.64 3.52
CA LEU A 245 -3.83 -6.56 3.69
C LEU A 245 -3.35 -5.11 3.64
N SER A 246 -2.47 -4.73 4.57
CA SER A 246 -1.66 -3.54 4.39
C SER A 246 -0.93 -3.65 3.06
N HIS A 247 -0.84 -2.54 2.33
CA HIS A 247 -0.23 -2.59 1.01
C HIS A 247 1.21 -3.09 1.09
N SER A 248 1.90 -2.86 2.19
CA SER A 248 3.28 -3.33 2.34
C SER A 248 3.38 -4.85 2.35
N LEU A 249 2.29 -5.55 2.63
CA LEU A 249 2.30 -7.01 2.59
C LEU A 249 2.04 -7.58 1.21
N LEU A 250 1.58 -6.77 0.24
CA LEU A 250 1.35 -7.28 -1.10
C LEU A 250 2.58 -7.86 -1.77
N PRO A 251 3.80 -7.36 -1.55
CA PRO A 251 4.98 -8.07 -2.06
C PRO A 251 5.17 -9.43 -1.41
N ALA A 252 4.59 -9.65 -0.23
CA ALA A 252 4.66 -10.92 0.48
C ALA A 252 3.54 -11.88 0.12
N LEU A 253 2.52 -11.40 -0.60
CA LEU A 253 1.32 -12.18 -0.85
C LEU A 253 1.61 -13.29 -1.85
N CYS A 254 1.30 -14.53 -1.49
CA CYS A 254 1.39 -15.60 -2.46
C CYS A 254 0.04 -15.98 -3.04
N ASP A 255 -0.98 -16.18 -2.19
CA ASP A 255 -2.28 -16.52 -2.74
C ASP A 255 -3.33 -16.30 -1.67
N SER A 256 -4.57 -16.17 -2.12
CA SER A 256 -5.73 -15.96 -1.25
C SER A 256 -6.81 -16.91 -1.74
N LYS A 257 -7.13 -17.91 -0.93
CA LYS A 257 -7.92 -19.04 -1.38
C LYS A 257 -9.33 -19.03 -0.79
N ILE A 258 -10.25 -19.62 -1.54
CA ILE A 258 -11.61 -19.86 -1.10
C ILE A 258 -11.83 -21.36 -1.13
N ARG A 259 -12.06 -21.96 0.03
CA ARG A 259 -12.09 -23.42 0.15
C ARG A 259 -13.53 -23.90 -0.03
N SER A 260 -13.96 -23.83 -1.30
CA SER A 260 -15.37 -24.01 -1.65
C SER A 260 -15.92 -25.34 -1.18
N LYS A 261 -15.09 -26.37 -1.12
CA LYS A 261 -15.57 -27.72 -0.87
C LYS A 261 -15.68 -28.07 0.62
N ALA A 262 -15.15 -27.24 1.52
CA ALA A 262 -15.12 -27.55 2.95
C ALA A 262 -16.48 -27.26 3.58
N LEU A 263 -17.18 -28.32 3.97
CA LEU A 263 -18.50 -28.26 4.53
C LEU A 263 -18.44 -28.03 6.04
N GLY A 264 -19.62 -27.98 6.66
CA GLY A 264 -19.74 -27.80 8.11
C GLY A 264 -20.35 -26.49 8.52
N SER A 265 -20.55 -25.55 7.60
CA SER A 265 -21.07 -24.24 7.94
C SER A 265 -21.82 -23.72 6.71
N ASP A 266 -22.56 -22.62 6.89
CA ASP A 266 -23.09 -21.93 5.72
C ASP A 266 -22.07 -20.98 5.13
N HIS A 267 -20.91 -20.81 5.78
CA HIS A 267 -19.71 -20.23 5.18
C HIS A 267 -18.69 -21.31 4.91
N CYS A 268 -17.83 -21.07 3.93
CA CYS A 268 -16.66 -21.91 3.74
C CYS A 268 -15.40 -21.21 4.28
N PRO A 269 -14.30 -21.94 4.43
CA PRO A 269 -13.05 -21.31 4.89
C PRO A 269 -12.31 -20.60 3.75
N ILE A 270 -11.50 -19.62 4.15
CA ILE A 270 -10.60 -18.91 3.24
C ILE A 270 -9.18 -19.04 3.79
N THR A 271 -8.20 -19.01 2.89
CA THR A 271 -6.82 -19.28 3.30
C THR A 271 -5.84 -18.34 2.62
N LEU A 272 -4.99 -17.73 3.43
CA LEU A 272 -3.98 -16.79 2.98
C LEU A 272 -2.59 -17.42 3.12
N TYR A 273 -1.78 -17.29 2.06
CA TYR A 273 -0.37 -17.68 2.07
C TYR A 273 0.48 -16.41 1.98
N LEU A 274 1.44 -16.27 2.86
CA LEU A 274 2.35 -15.13 2.80
C LEU A 274 3.80 -15.57 2.86
N ALA A 275 4.64 -14.78 2.19
CA ALA A 275 6.08 -15.00 2.18
C ALA A 275 6.71 -14.00 3.16
N LEU A 276 6.84 -14.41 4.41
CA LEU A 276 7.47 -13.54 5.42
C LEU A 276 8.83 -14.07 5.87
N ALA B 1 25.34 -2.81 3.69
CA ALA B 1 24.90 -3.94 2.88
C ALA B 1 24.42 -3.50 1.50
N LEU B 2 24.57 -4.41 0.54
CA LEU B 2 24.05 -4.22 -0.81
C LEU B 2 22.52 -4.31 -0.82
N TYR B 3 21.93 -3.96 -1.96
CA TYR B 3 20.48 -3.81 -2.04
C TYR B 3 19.98 -4.28 -3.40
N GLU B 4 18.94 -5.13 -3.40
CA GLU B 4 18.26 -5.51 -4.63
C GLU B 4 16.81 -5.03 -4.56
N ASP B 5 16.45 -4.14 -5.48
CA ASP B 5 15.08 -3.72 -5.66
C ASP B 5 14.23 -4.91 -6.08
N PRO B 6 13.10 -5.18 -5.42
CA PRO B 6 12.27 -6.31 -5.82
C PRO B 6 11.63 -6.07 -7.17
N PRO B 7 11.18 -7.12 -7.86
CA PRO B 7 10.62 -6.95 -9.21
C PRO B 7 9.47 -5.96 -9.25
N ASP B 8 9.21 -5.43 -10.44
CA ASP B 8 8.15 -4.45 -10.65
C ASP B 8 6.79 -5.08 -10.42
N GLN B 9 6.03 -4.56 -9.46
CA GLN B 9 4.63 -4.92 -9.29
C GLN B 9 3.77 -3.99 -10.14
N LYS B 10 3.05 -4.56 -11.11
CA LYS B 10 2.40 -3.78 -12.16
C LYS B 10 0.87 -3.84 -12.05
N THR B 11 0.33 -4.23 -10.90
CA THR B 11 -1.10 -4.24 -10.64
C THR B 11 -1.35 -3.47 -9.34
N SER B 12 -2.48 -2.79 -9.26
CA SER B 12 -2.77 -1.94 -8.09
C SER B 12 -3.30 -2.82 -6.95
N PRO B 13 -3.57 -2.22 -5.78
CA PRO B 13 -4.20 -3.00 -4.69
C PRO B 13 -5.55 -3.62 -5.04
N SER B 14 -6.20 -3.21 -6.13
CA SER B 14 -7.44 -3.84 -6.57
C SER B 14 -7.27 -4.53 -7.91
N GLY B 15 -6.04 -4.94 -8.23
CA GLY B 15 -5.80 -5.70 -9.43
C GLY B 15 -5.93 -4.95 -10.73
N LYS B 16 -5.96 -3.62 -10.70
CA LYS B 16 -5.97 -2.92 -11.97
C LYS B 16 -4.55 -2.87 -12.54
N PRO B 17 -4.38 -3.08 -13.84
CA PRO B 17 -3.03 -3.02 -14.41
C PRO B 17 -2.51 -1.58 -14.39
N ALA B 18 -1.19 -1.46 -14.26
CA ALA B 18 -0.58 -0.15 -14.34
C ALA B 18 -0.82 0.42 -15.74
N THR B 19 -1.24 1.68 -15.79
CA THR B 19 -1.42 2.38 -17.04
C THR B 19 -0.39 3.48 -17.28
N LEU B 20 0.34 3.88 -16.25
CA LEU B 20 1.22 5.04 -16.36
C LEU B 20 2.53 4.74 -15.64
N LYS B 21 3.63 5.01 -16.32
CA LYS B 21 4.97 4.72 -15.83
C LYS B 21 5.78 6.01 -15.89
N ILE B 22 6.25 6.47 -14.74
CA ILE B 22 6.99 7.73 -14.65
C ILE B 22 8.37 7.45 -14.06
N CYS B 23 9.40 7.90 -14.75
CA CYS B 23 10.76 7.77 -14.29
C CYS B 23 11.30 9.16 -13.98
N SER B 24 12.04 9.28 -12.89
CA SER B 24 12.63 10.55 -12.49
C SER B 24 14.11 10.28 -12.22
N TRP B 25 14.97 11.23 -12.62
CA TRP B 25 16.41 10.99 -12.57
C TRP B 25 17.12 12.32 -12.43
N ASN B 26 17.87 12.48 -11.34
CA ASN B 26 18.74 13.63 -11.16
C ASN B 26 20.04 13.30 -11.90
N VAL B 27 20.13 13.74 -13.15
CA VAL B 27 21.19 13.27 -14.02
C VAL B 27 22.53 13.95 -13.78
N ASP B 28 22.55 15.10 -13.10
CA ASP B 28 23.78 15.80 -12.71
C ASP B 28 24.68 16.08 -13.90
N GLY B 29 24.13 16.80 -14.86
CA GLY B 29 24.85 17.08 -16.09
C GLY B 29 24.23 16.36 -17.27
N LEU B 30 23.25 17.00 -17.88
CA LEU B 30 22.49 16.37 -18.96
C LEU B 30 23.41 15.87 -20.08
N ARG B 31 24.30 16.74 -20.54
CA ARG B 31 25.17 16.38 -21.65
C ARG B 31 26.10 15.22 -21.29
N ALA B 32 26.76 15.32 -20.12
CA ALA B 32 27.57 14.21 -19.62
C ALA B 32 26.75 12.93 -19.45
N TRP B 33 25.50 13.06 -19.00
CA TRP B 33 24.67 11.89 -18.75
C TRP B 33 24.28 11.22 -20.08
N ILE B 34 24.00 12.01 -21.12
CA ILE B 34 23.73 11.44 -22.43
C ILE B 34 24.97 10.71 -22.96
N LYS B 35 26.13 11.34 -22.84
CA LYS B 35 27.34 10.68 -23.33
C LYS B 35 27.66 9.43 -22.51
N LYS B 36 27.24 9.39 -21.27
CA LYS B 36 27.41 8.17 -20.49
C LYS B 36 26.25 7.19 -20.64
N LYS B 37 25.49 7.25 -21.74
CA LYS B 37 24.43 6.29 -22.14
C LYS B 37 23.10 6.48 -21.44
N GLY B 38 22.87 7.60 -20.76
CA GLY B 38 21.61 7.77 -20.03
C GLY B 38 20.37 7.54 -20.88
N LEU B 39 20.40 8.00 -22.13
CA LEU B 39 19.22 7.87 -22.99
C LEU B 39 19.00 6.44 -23.47
N ASP B 40 20.07 5.66 -23.69
CA ASP B 40 19.87 4.24 -23.97
C ASP B 40 19.17 3.56 -22.81
N TRP B 41 19.57 3.87 -21.58
CA TRP B 41 18.84 3.29 -20.46
C TRP B 41 17.39 3.77 -20.44
N VAL B 42 17.15 5.07 -20.72
CA VAL B 42 15.78 5.57 -20.74
C VAL B 42 14.96 4.87 -21.84
N LYS B 43 15.57 4.63 -23.01
CA LYS B 43 14.86 3.92 -24.07
C LYS B 43 14.44 2.53 -23.63
N GLU B 44 15.30 1.85 -22.85
CA GLU B 44 14.97 0.51 -22.35
C GLU B 44 13.84 0.57 -21.34
N GLU B 45 13.88 1.57 -20.45
CA GLU B 45 12.88 1.72 -19.42
C GLU B 45 11.53 2.19 -19.97
N ALA B 46 11.54 2.89 -21.11
CA ALA B 46 10.33 3.29 -21.83
C ALA B 46 9.25 3.91 -20.93
N PRO B 47 9.58 4.94 -20.15
CA PRO B 47 8.57 5.58 -19.32
C PRO B 47 7.59 6.37 -20.18
N ASP B 48 6.39 6.55 -19.65
CA ASP B 48 5.45 7.45 -20.31
C ASP B 48 5.81 8.90 -20.05
N ILE B 49 6.49 9.17 -18.93
CA ILE B 49 6.90 10.51 -18.52
C ILE B 49 8.30 10.41 -17.92
N LEU B 50 9.20 11.31 -18.32
CA LEU B 50 10.55 11.33 -17.79
C LEU B 50 10.85 12.71 -17.23
N CYS B 51 11.28 12.74 -15.97
CA CYS B 51 11.59 13.96 -15.25
C CYS B 51 13.08 13.97 -14.94
N LEU B 52 13.77 15.05 -15.29
CA LEU B 52 15.20 15.16 -15.08
C LEU B 52 15.50 16.35 -14.20
N GLN B 53 16.49 16.21 -13.33
CA GLN B 53 16.90 17.28 -12.44
C GLN B 53 18.40 17.46 -12.54
N GLN B 54 18.86 18.66 -12.21
CA GLN B 54 20.27 19.04 -12.29
C GLN B 54 20.83 18.78 -13.68
N THR B 55 20.13 19.33 -14.69
CA THR B 55 20.54 19.18 -16.08
C THR B 55 21.79 19.96 -16.40
N LYS B 56 21.99 21.08 -15.72
CA LYS B 56 23.18 21.94 -15.90
C LYS B 56 23.45 22.17 -17.39
N CYS B 57 22.43 22.68 -18.07
CA CYS B 57 22.42 22.82 -19.53
C CYS B 57 21.32 23.82 -19.87
N SER B 58 21.72 24.96 -20.41
CA SER B 58 20.75 25.98 -20.82
C SER B 58 19.96 25.48 -22.02
N GLU B 59 18.86 26.18 -22.32
CA GLU B 59 18.02 25.74 -23.42
C GLU B 59 18.74 25.85 -24.77
N ASN B 60 19.61 26.86 -24.96
CA ASN B 60 20.38 26.93 -26.19
C ASN B 60 21.21 25.67 -26.43
N LYS B 61 21.69 25.04 -25.36
CA LYS B 61 22.73 24.04 -25.50
C LYS B 61 22.20 22.61 -25.50
N LEU B 62 20.89 22.43 -25.50
CA LEU B 62 20.32 21.10 -25.36
C LEU B 62 20.77 20.19 -26.49
N PRO B 63 21.27 18.99 -26.19
CA PRO B 63 21.77 18.10 -27.24
C PRO B 63 20.68 17.70 -28.24
N ALA B 64 21.14 17.30 -29.43
CA ALA B 64 20.23 16.93 -30.50
C ALA B 64 19.59 15.57 -30.27
N GLU B 65 20.25 14.69 -29.51
CA GLU B 65 19.72 13.38 -29.16
C GLU B 65 18.30 13.46 -28.66
N LEU B 66 18.01 14.51 -27.91
CA LEU B 66 16.71 14.66 -27.28
C LEU B 66 15.59 14.80 -28.30
N GLN B 67 15.91 15.38 -29.46
CA GLN B 67 14.93 15.44 -30.54
C GLN B 67 14.68 14.08 -31.19
N GLU B 68 15.55 13.11 -30.94
CA GLU B 68 15.44 11.77 -31.50
C GLU B 68 14.99 10.81 -30.41
N LEU B 69 13.86 11.14 -29.81
CA LEU B 69 13.28 10.40 -28.69
C LEU B 69 11.78 10.36 -28.85
N PRO B 70 11.26 9.70 -29.88
CA PRO B 70 9.83 9.47 -29.92
C PRO B 70 9.46 8.60 -28.73
N GLY B 71 8.22 8.71 -28.29
CA GLY B 71 7.90 8.17 -27.00
C GLY B 71 7.88 9.25 -25.93
N LEU B 72 8.79 10.22 -26.04
CA LEU B 72 8.84 11.35 -25.11
C LEU B 72 8.97 12.66 -25.86
N SER B 73 8.05 12.88 -26.81
CA SER B 73 8.25 13.97 -27.76
C SER B 73 7.78 15.34 -27.24
N HIS B 74 7.00 15.38 -26.16
CA HIS B 74 6.59 16.66 -25.57
C HIS B 74 7.51 16.97 -24.40
N GLN B 75 8.35 17.98 -24.58
CA GLN B 75 9.54 18.20 -23.77
C GLN B 75 9.50 19.62 -23.23
N TYR B 76 9.75 19.77 -21.93
CA TYR B 76 9.71 21.06 -21.26
C TYR B 76 10.97 21.23 -20.42
N TRP B 77 11.56 22.41 -20.49
CA TRP B 77 12.83 22.67 -19.83
C TRP B 77 12.76 23.94 -19.02
N SER B 78 13.58 24.00 -17.99
CA SER B 78 13.63 25.19 -17.16
C SER B 78 15.05 25.37 -16.64
N ALA B 79 15.61 26.54 -16.93
CA ALA B 79 16.96 26.93 -16.58
C ALA B 79 16.92 28.09 -15.60
N PRO B 80 17.98 28.28 -14.81
CA PRO B 80 18.07 29.51 -14.02
C PRO B 80 18.12 30.71 -14.94
N SER B 81 17.62 31.84 -14.46
CA SER B 81 17.65 33.03 -15.30
C SER B 81 19.07 33.52 -15.51
N ASP B 82 19.87 33.55 -14.45
CA ASP B 82 21.17 34.19 -14.50
C ASP B 82 22.36 33.27 -14.30
N LYS B 83 22.19 32.12 -13.65
CA LYS B 83 23.30 31.24 -13.29
C LYS B 83 23.41 30.15 -14.34
N GLU B 84 24.37 30.34 -15.25
CA GLU B 84 24.64 29.41 -16.33
C GLU B 84 25.35 28.18 -15.81
N GLY B 85 24.97 27.00 -16.32
CA GLY B 85 25.58 25.73 -15.95
C GLY B 85 25.11 25.12 -14.66
N TYR B 86 24.00 25.62 -14.11
CA TYR B 86 23.59 25.37 -12.75
C TYR B 86 22.14 24.92 -12.72
N SER B 87 21.84 23.95 -11.83
CA SER B 87 20.47 23.46 -11.57
CA SER B 87 20.47 23.49 -11.58
C SER B 87 19.84 23.06 -12.90
N GLY B 88 18.57 23.40 -13.16
CA GLY B 88 17.88 23.00 -14.38
C GLY B 88 17.06 21.73 -14.19
N VAL B 89 15.83 21.71 -14.72
CA VAL B 89 14.99 20.51 -14.72
C VAL B 89 14.34 20.36 -16.09
N GLY B 90 14.04 19.10 -16.44
CA GLY B 90 13.33 18.80 -17.65
C GLY B 90 12.14 17.91 -17.38
N LEU B 91 11.16 17.98 -18.27
CA LEU B 91 9.98 17.10 -18.20
C LEU B 91 9.59 16.73 -19.63
N LEU B 92 9.61 15.42 -19.92
CA LEU B 92 9.35 14.88 -21.24
C LEU B 92 8.22 13.87 -21.13
N SER B 93 7.18 14.05 -21.95
CA SER B 93 6.00 13.18 -21.84
CA SER B 93 5.97 13.23 -21.84
C SER B 93 5.60 12.64 -23.20
N ARG B 94 5.05 11.43 -23.18
CA ARG B 94 4.53 10.78 -24.39
C ARG B 94 3.36 11.58 -24.97
N GLN B 95 2.38 11.89 -24.13
CA GLN B 95 1.22 12.71 -24.46
C GLN B 95 1.43 14.13 -23.99
N ALA B 96 0.82 15.07 -24.67
CA ALA B 96 0.96 16.44 -24.21
C ALA B 96 0.16 16.67 -22.92
N PRO B 97 0.72 17.42 -21.98
CA PRO B 97 -0.08 17.88 -20.84
C PRO B 97 -1.16 18.86 -21.28
N LEU B 98 -2.17 19.00 -20.43
CA LEU B 98 -3.15 20.05 -20.61
C LEU B 98 -2.49 21.41 -20.46
N LYS B 99 -1.57 21.53 -19.50
CA LYS B 99 -1.00 22.81 -19.09
C LYS B 99 0.36 22.59 -18.44
N VAL B 100 1.31 23.45 -18.76
CA VAL B 100 2.65 23.42 -18.15
C VAL B 100 2.92 24.78 -17.53
N SER B 101 3.60 24.77 -16.39
CA SER B 101 4.01 26.03 -15.77
C SER B 101 5.31 25.85 -15.02
N TYR B 102 5.96 26.97 -14.77
CA TYR B 102 7.35 27.03 -14.32
C TYR B 102 7.43 27.72 -12.96
N GLY B 103 8.16 27.09 -12.03
CA GLY B 103 8.30 27.64 -10.68
C GLY B 103 7.07 27.39 -9.83
N ILE B 104 7.05 28.03 -8.66
CA ILE B 104 5.97 27.84 -7.67
C ILE B 104 5.16 29.10 -7.43
N GLY B 105 5.38 30.14 -8.24
CA GLY B 105 4.64 31.38 -8.07
C GLY B 105 5.18 32.31 -7.00
N ASP B 106 6.47 32.23 -6.70
CA ASP B 106 7.11 33.09 -5.71
C ASP B 106 8.44 33.55 -6.30
N GLU B 107 8.55 34.85 -6.63
CA GLU B 107 9.74 35.38 -7.28
C GLU B 107 11.02 34.91 -6.64
N GLU B 108 11.09 34.99 -5.31
CA GLU B 108 12.33 34.66 -4.61
C GLU B 108 12.76 33.22 -4.92
N HIS B 109 11.81 32.32 -5.16
CA HIS B 109 12.10 30.90 -5.31
C HIS B 109 12.09 30.41 -6.75
N ASP B 110 11.75 31.26 -7.72
CA ASP B 110 11.60 30.83 -9.10
C ASP B 110 12.76 31.27 -10.00
N GLN B 111 13.96 31.51 -9.44
CA GLN B 111 15.08 32.00 -10.25
C GLN B 111 16.05 30.91 -10.72
N GLU B 112 15.97 29.67 -10.21
CA GLU B 112 17.05 28.70 -10.40
C GLU B 112 16.63 27.48 -11.20
N GLY B 113 15.55 27.56 -11.97
CA GLY B 113 15.16 26.44 -12.82
C GLY B 113 14.98 25.13 -12.08
N ARG B 114 14.10 25.12 -11.08
CA ARG B 114 13.95 24.00 -10.16
C ARG B 114 12.63 23.26 -10.25
N VAL B 115 11.58 23.84 -10.83
CA VAL B 115 10.26 23.25 -10.76
C VAL B 115 9.59 23.33 -12.11
N ILE B 116 8.98 22.23 -12.54
CA ILE B 116 8.07 22.17 -13.67
C ILE B 116 6.79 21.51 -13.17
N VAL B 117 5.65 22.13 -13.48
CA VAL B 117 4.34 21.61 -13.15
C VAL B 117 3.65 21.25 -14.46
N ALA B 118 3.18 20.00 -14.58
CA ALA B 118 2.47 19.53 -15.77
C ALA B 118 1.13 18.96 -15.34
N GLU B 119 0.06 19.59 -15.80
CA GLU B 119 -1.29 19.11 -15.51
C GLU B 119 -1.77 18.13 -16.58
N PHE B 120 -2.30 16.99 -16.13
CA PHE B 120 -2.94 15.99 -16.97
C PHE B 120 -4.40 15.84 -16.55
N ASP B 121 -5.11 14.92 -17.22
CA ASP B 121 -6.51 14.69 -16.91
C ASP B 121 -6.74 14.35 -15.44
N SER B 122 -6.06 13.31 -14.98
CA SER B 122 -6.39 12.71 -13.69
C SER B 122 -5.54 13.26 -12.55
N PHE B 123 -4.51 14.05 -12.82
CA PHE B 123 -3.57 14.43 -11.78
C PHE B 123 -2.62 15.51 -12.31
N VAL B 124 -1.95 16.16 -11.37
CA VAL B 124 -0.87 17.11 -11.64
C VAL B 124 0.46 16.47 -11.26
N LEU B 125 1.46 16.67 -12.10
CA LEU B 125 2.83 16.25 -11.81
C LEU B 125 3.70 17.46 -11.53
N VAL B 126 4.42 17.44 -10.42
CA VAL B 126 5.46 18.42 -10.13
C VAL B 126 6.79 17.67 -10.05
N THR B 127 7.77 18.11 -10.83
CA THR B 127 9.13 17.62 -10.63
C THR B 127 9.98 18.78 -10.13
N ALA B 128 10.90 18.45 -9.22
CA ALA B 128 11.58 19.46 -8.46
C ALA B 128 13.02 19.06 -8.21
N TYR B 129 13.90 20.06 -8.22
CA TYR B 129 15.28 19.94 -7.77
C TYR B 129 15.40 20.91 -6.59
N VAL B 130 15.21 20.38 -5.39
CA VAL B 130 15.17 21.19 -4.16
C VAL B 130 16.55 21.74 -3.87
N PRO B 131 16.69 22.96 -3.36
CA PRO B 131 18.02 23.52 -3.12
C PRO B 131 18.79 22.79 -2.04
N ASN B 132 19.97 22.29 -2.40
CA ASN B 132 20.89 21.71 -1.43
C ASN B 132 21.29 22.75 -0.40
N ALA B 133 21.36 22.35 0.87
CA ALA B 133 21.67 23.29 1.93
C ALA B 133 23.14 23.67 1.96
N GLY B 134 24.00 22.91 1.30
CA GLY B 134 25.33 23.36 0.97
C GLY B 134 26.38 22.80 1.91
N ARG B 135 27.63 22.92 1.47
CA ARG B 135 28.73 22.59 2.34
C ARG B 135 28.79 23.61 3.49
N GLY B 136 29.04 23.12 4.69
CA GLY B 136 29.02 23.99 5.85
C GLY B 136 27.67 24.64 6.11
N LEU B 137 26.61 24.14 5.46
CA LEU B 137 25.23 24.59 5.69
C LEU B 137 25.01 26.04 5.32
N VAL B 138 25.79 26.58 4.38
CA VAL B 138 25.72 28.01 4.05
C VAL B 138 24.33 28.38 3.53
N ARG B 139 23.63 27.44 2.92
CA ARG B 139 22.31 27.71 2.37
C ARG B 139 21.17 27.16 3.22
N LEU B 140 21.46 26.71 4.45
CA LEU B 140 20.39 26.08 5.24
C LEU B 140 19.25 27.04 5.49
N GLU B 141 19.56 28.30 5.85
CA GLU B 141 18.50 29.28 6.11
C GLU B 141 17.64 29.49 4.86
N TYR B 142 18.26 29.51 3.67
CA TYR B 142 17.43 29.67 2.47
C TYR B 142 16.65 28.41 2.15
N ARG B 143 17.22 27.24 2.40
CA ARG B 143 16.48 26.00 2.22
C ARG B 143 15.21 25.99 3.07
N GLN B 144 15.30 26.47 4.31
CA GLN B 144 14.13 26.50 5.20
C GLN B 144 13.04 27.41 4.65
N ARG B 145 13.41 28.55 4.07
CA ARG B 145 12.44 29.41 3.40
C ARG B 145 11.83 28.72 2.19
N TRP B 146 12.66 28.03 1.41
CA TRP B 146 12.15 27.25 0.28
C TRP B 146 11.13 26.21 0.74
N ASP B 147 11.50 25.42 1.75
CA ASP B 147 10.62 24.36 2.25
C ASP B 147 9.23 24.89 2.55
N GLU B 148 9.16 26.03 3.23
CA GLU B 148 7.87 26.59 3.62
C GLU B 148 7.09 27.08 2.40
N ALA B 149 7.74 27.77 1.47
CA ALA B 149 7.04 28.25 0.28
C ALA B 149 6.57 27.09 -0.59
N PHE B 150 7.40 26.05 -0.68
CA PHE B 150 7.09 24.88 -1.52
C PHE B 150 5.92 24.10 -0.93
N ARG B 151 5.97 23.83 0.37
CA ARG B 151 4.86 23.20 1.08
C ARG B 151 3.54 23.93 0.81
N LYS B 152 3.53 25.25 1.02
CA LYS B 152 2.32 26.04 0.80
C LYS B 152 1.89 26.00 -0.67
N PHE B 153 2.85 25.91 -1.60
CA PHE B 153 2.51 25.77 -3.02
C PHE B 153 1.88 24.42 -3.30
N LEU B 154 2.49 23.34 -2.81
CA LEU B 154 1.98 22.01 -3.10
C LEU B 154 0.64 21.78 -2.42
N LYS B 155 0.41 22.39 -1.25
CA LYS B 155 -0.88 22.25 -0.60
C LYS B 155 -1.99 22.89 -1.43
N GLY B 156 -1.74 24.09 -1.93
CA GLY B 156 -2.68 24.75 -2.81
C GLY B 156 -3.06 23.81 -3.94
N LEU B 157 -2.06 23.31 -4.66
CA LEU B 157 -2.32 22.50 -5.86
C LEU B 157 -3.02 21.21 -5.52
N ALA B 158 -2.60 20.53 -4.44
CA ALA B 158 -3.23 19.27 -4.10
C ALA B 158 -4.70 19.43 -3.69
N SER B 159 -5.11 20.63 -3.29
CA SER B 159 -6.51 20.86 -3.04
C SER B 159 -7.34 20.96 -4.32
N ARG B 160 -6.72 21.07 -5.50
CA ARG B 160 -7.46 21.14 -6.74
C ARG B 160 -7.36 19.88 -7.59
N LYS B 161 -6.26 19.14 -7.49
CA LYS B 161 -6.16 17.90 -8.26
C LYS B 161 -5.20 16.95 -7.56
N PRO B 162 -5.38 15.64 -7.71
CA PRO B 162 -4.41 14.69 -7.16
C PRO B 162 -3.00 14.99 -7.65
N LEU B 163 -2.04 14.92 -6.74
CA LEU B 163 -0.69 15.41 -6.96
C LEU B 163 0.31 14.26 -6.95
N VAL B 164 1.25 14.30 -7.90
CA VAL B 164 2.48 13.51 -7.82
C VAL B 164 3.65 14.49 -7.82
N LEU B 165 4.47 14.38 -6.78
CA LEU B 165 5.71 15.13 -6.69
C LEU B 165 6.87 14.15 -6.83
N CYS B 166 7.77 14.42 -7.77
CA CYS B 166 8.96 13.59 -7.89
C CYS B 166 10.18 14.47 -8.02
N GLY B 167 11.33 13.91 -7.68
CA GLY B 167 12.56 14.61 -7.92
C GLY B 167 13.55 14.37 -6.81
N ASN B 168 14.53 15.26 -6.75
CA ASN B 168 15.59 15.25 -5.76
C ASN B 168 15.17 16.26 -4.70
N LEU B 169 14.66 15.76 -3.59
CA LEU B 169 14.18 16.64 -2.53
C LEU B 169 15.29 16.95 -1.53
N ASN B 170 16.50 16.44 -1.77
CA ASN B 170 17.72 16.81 -1.02
C ASN B 170 17.49 16.73 0.48
N VAL B 171 16.79 15.69 0.87
CA VAL B 171 16.64 15.36 2.28
C VAL B 171 16.46 13.86 2.39
N ALA B 172 17.21 13.26 3.31
CA ALA B 172 16.96 11.89 3.73
C ALA B 172 16.07 11.98 4.97
N HIS B 173 14.85 11.47 4.84
CA HIS B 173 13.82 11.76 5.83
C HIS B 173 14.18 11.18 7.19
N GLU B 174 14.53 9.90 7.24
CA GLU B 174 14.74 9.16 8.47
C GLU B 174 16.07 8.43 8.43
N GLU B 175 16.46 7.85 9.58
CA GLU B 175 17.78 7.27 9.71
C GLU B 175 17.95 6.09 8.77
N ILE B 176 16.86 5.39 8.46
CA ILE B 176 16.85 4.27 7.53
C ILE B 176 17.19 4.78 6.13
N ASP B 177 17.07 6.08 5.91
CA ASP B 177 17.21 6.63 4.56
C ASP B 177 18.65 6.96 4.17
N LEU B 178 19.64 6.69 5.02
CA LEU B 178 21.03 6.88 4.60
C LEU B 178 21.93 5.92 5.36
N ARG B 179 23.14 5.73 4.82
CA ARG B 179 24.03 4.71 5.37
C ARG B 179 24.61 5.13 6.71
N ASN B 180 24.97 6.42 6.87
CA ASN B 180 25.63 6.89 8.09
C ASN B 180 24.86 8.05 8.71
N PRO B 181 23.68 7.76 9.30
CA PRO B 181 22.93 8.85 9.97
C PRO B 181 23.68 9.52 11.12
N LYS B 182 24.39 8.75 11.95
CA LYS B 182 25.02 9.37 13.12
C LYS B 182 26.08 10.38 12.72
N GLY B 183 26.79 10.14 11.61
CA GLY B 183 27.80 11.10 11.21
C GLY B 183 27.29 12.32 10.47
N ASN B 184 26.01 12.31 10.05
CA ASN B 184 25.54 13.30 9.09
C ASN B 184 24.44 14.20 9.63
N LYS B 185 24.25 14.24 10.95
CA LYS B 185 23.15 15.03 11.52
C LYS B 185 23.37 16.54 11.38
N LYS B 186 24.60 16.99 11.18
CA LYS B 186 24.84 18.41 10.89
C LYS B 186 25.29 18.62 9.45
N ASN B 187 24.97 17.68 8.56
CA ASN B 187 25.33 17.79 7.15
C ASN B 187 24.10 18.01 6.29
N ALA B 188 24.30 18.70 5.17
CA ALA B 188 23.22 18.98 4.23
C ALA B 188 22.47 17.69 3.87
N GLY B 189 21.15 17.77 3.94
CA GLY B 189 20.30 16.65 3.65
C GLY B 189 19.92 15.79 4.84
N PHE B 190 20.59 15.95 5.98
CA PHE B 190 20.15 15.25 7.17
C PHE B 190 20.15 16.14 8.42
N THR B 191 20.09 17.45 8.27
CA THR B 191 19.89 18.32 9.42
C THR B 191 18.50 18.08 10.01
N PRO B 192 18.32 18.36 11.30
CA PRO B 192 16.95 18.28 11.85
C PRO B 192 15.98 19.22 11.15
N GLN B 193 16.46 20.38 10.68
CA GLN B 193 15.56 21.32 10.02
C GLN B 193 15.05 20.79 8.68
N GLU B 194 15.90 20.05 7.95
CA GLU B 194 15.51 19.51 6.66
C GLU B 194 14.60 18.31 6.82
N ARG B 195 14.89 17.45 7.80
CA ARG B 195 14.00 16.32 8.09
C ARG B 195 12.65 16.81 8.60
N GLN B 196 12.65 17.84 9.44
CA GLN B 196 11.38 18.37 9.93
C GLN B 196 10.57 19.03 8.82
N GLY B 197 11.22 19.81 7.95
CA GLY B 197 10.52 20.33 6.78
C GLY B 197 9.86 19.23 5.96
N PHE B 198 10.58 18.13 5.72
CA PHE B 198 10.03 17.04 4.93
C PHE B 198 8.83 16.42 5.65
N GLY B 199 8.95 16.21 6.95
CA GLY B 199 7.84 15.69 7.72
C GLY B 199 6.61 16.58 7.69
N GLU B 200 6.81 17.90 7.81
CA GLU B 200 5.69 18.83 7.74
C GLU B 200 5.05 18.82 6.36
N LEU B 201 5.84 18.62 5.31
CA LEU B 201 5.31 18.54 3.96
C LEU B 201 4.39 17.33 3.83
N LEU B 202 4.87 16.16 4.26
CA LEU B 202 4.05 14.96 4.26
C LEU B 202 2.74 15.17 4.98
N GLN B 203 2.78 15.89 6.11
CA GLN B 203 1.63 16.05 6.99
C GLN B 203 0.66 17.12 6.51
N ALA B 204 1.17 18.21 5.94
CA ALA B 204 0.31 19.35 5.63
C ALA B 204 -0.31 19.32 4.24
N VAL B 205 0.25 18.61 3.28
CA VAL B 205 -0.33 18.75 1.95
C VAL B 205 -1.73 18.08 1.84
N PRO B 206 -1.88 16.82 2.29
CA PRO B 206 -0.90 15.84 2.74
C PRO B 206 -0.32 15.01 1.61
N LEU B 207 0.83 14.39 1.86
CA LEU B 207 1.45 13.52 0.87
C LEU B 207 2.01 12.28 1.56
N ALA B 208 2.06 11.18 0.81
CA ALA B 208 2.68 9.93 1.22
C ALA B 208 3.95 9.69 0.42
N ASP B 209 4.94 9.14 1.09
CA ASP B 209 6.20 8.72 0.48
C ASP B 209 5.97 7.35 -0.14
N SER B 210 5.77 7.30 -1.45
CA SER B 210 5.37 6.06 -2.12
C SER B 210 6.26 4.89 -1.74
N PHE B 211 7.58 5.05 -1.89
CA PHE B 211 8.49 3.94 -1.64
C PHE B 211 8.38 3.46 -0.21
N ARG B 212 8.37 4.39 0.76
CA ARG B 212 8.31 3.98 2.16
C ARG B 212 6.95 3.41 2.54
N HIS B 213 5.88 3.85 1.85
CA HIS B 213 4.55 3.30 2.11
C HIS B 213 4.48 1.83 1.74
N LEU B 214 5.24 1.40 0.74
CA LEU B 214 5.26 0.02 0.29
C LEU B 214 6.37 -0.81 0.91
N TYR B 215 7.50 -0.19 1.28
CA TYR B 215 8.64 -0.87 1.89
C TYR B 215 9.02 -0.12 3.16
N PRO B 216 8.13 -0.14 4.17
CA PRO B 216 8.33 0.72 5.33
C PRO B 216 9.55 0.36 6.15
N ASN B 217 10.09 -0.85 6.00
CA ASN B 217 11.17 -1.33 6.86
C ASN B 217 12.38 -1.82 6.06
N THR B 218 12.52 -1.40 4.81
CA THR B 218 13.61 -1.88 3.95
C THR B 218 14.81 -0.96 4.08
N PRO B 219 15.92 -1.41 4.69
CA PRO B 219 17.10 -0.57 4.83
C PRO B 219 17.99 -0.64 3.60
N TYR B 220 19.03 0.20 3.55
CA TYR B 220 20.07 0.13 2.53
C TYR B 220 19.55 0.47 1.14
N ALA B 221 18.42 1.14 1.06
CA ALA B 221 17.79 1.48 -0.22
C ALA B 221 18.01 2.96 -0.49
N TYR B 222 18.99 3.25 -1.33
CA TYR B 222 19.45 4.61 -1.55
C TYR B 222 19.38 4.94 -3.03
N THR B 223 19.56 6.22 -3.32
CA THR B 223 19.49 6.71 -4.69
C THR B 223 20.71 7.55 -5.04
N PHE B 224 21.36 8.12 -4.02
CA PHE B 224 22.54 8.94 -4.27
C PHE B 224 23.72 8.34 -3.54
N TRP B 225 24.91 8.47 -4.11
CA TRP B 225 26.17 8.06 -3.51
C TRP B 225 27.22 9.07 -3.95
N THR B 226 28.05 9.57 -3.02
CA THR B 226 29.05 10.54 -3.47
C THR B 226 29.99 9.88 -4.46
N TYR B 227 30.41 10.64 -5.46
CA TYR B 227 31.42 10.13 -6.37
C TYR B 227 32.69 9.75 -5.65
N MET B 228 32.93 10.29 -4.46
CA MET B 228 34.19 10.05 -3.78
C MET B 228 34.16 8.70 -3.05
N MET B 229 35.36 8.23 -2.72
CA MET B 229 35.57 7.19 -1.71
C MET B 229 34.95 5.84 -2.09
N ASN B 230 34.67 5.62 -3.38
CA ASN B 230 34.07 4.38 -3.87
C ASN B 230 32.71 4.11 -3.22
N ALA B 231 32.02 5.19 -2.82
CA ALA B 231 30.82 5.04 -2.01
C ALA B 231 29.77 4.17 -2.69
N ARG B 232 29.57 4.35 -4.00
CA ARG B 232 28.52 3.60 -4.68
C ARG B 232 28.80 2.10 -4.66
N SER B 233 30.03 1.71 -4.98
CA SER B 233 30.34 0.28 -4.96
C SER B 233 30.26 -0.31 -3.55
N LYS B 234 30.41 0.51 -2.50
CA LYS B 234 30.23 0.11 -1.11
C LYS B 234 28.80 0.34 -0.60
N ASN B 235 27.89 0.78 -1.47
CA ASN B 235 26.51 1.16 -1.12
C ASN B 235 26.46 2.04 0.14
N VAL B 236 27.31 3.07 0.20
CA VAL B 236 27.20 4.10 1.22
C VAL B 236 26.49 5.27 0.56
N GLY B 237 25.18 5.33 0.76
CA GLY B 237 24.40 6.32 0.05
C GLY B 237 23.28 6.94 0.84
N TRP B 238 22.44 7.69 0.13
CA TRP B 238 21.32 8.43 0.68
C TRP B 238 20.11 8.27 -0.23
N ARG B 239 18.94 8.11 0.36
CA ARG B 239 17.69 8.18 -0.39
C ARG B 239 17.25 9.64 -0.43
N LEU B 240 17.50 10.30 -1.56
CA LEU B 240 17.19 11.71 -1.76
C LEU B 240 16.09 11.93 -2.80
N ASP B 241 15.75 10.92 -3.58
CA ASP B 241 14.85 11.02 -4.73
C ASP B 241 13.57 10.27 -4.40
N TYR B 242 12.43 10.95 -4.53
CA TYR B 242 11.16 10.42 -4.04
C TYR B 242 10.07 10.54 -5.10
N PHE B 243 9.06 9.71 -4.93
CA PHE B 243 7.72 9.92 -5.46
C PHE B 243 6.79 10.13 -4.27
N LEU B 244 6.26 11.34 -4.13
CA LEU B 244 5.29 11.67 -3.09
C LEU B 244 3.92 11.87 -3.74
N LEU B 245 2.90 11.22 -3.18
CA LEU B 245 1.58 11.21 -3.79
C LEU B 245 0.51 11.73 -2.85
N SER B 246 -0.53 12.32 -3.45
CA SER B 246 -1.77 12.53 -2.73
C SER B 246 -2.28 11.20 -2.18
N HIS B 247 -2.85 11.25 -0.98
CA HIS B 247 -3.38 10.02 -0.39
C HIS B 247 -4.42 9.39 -1.30
N SER B 248 -5.17 10.22 -2.05
CA SER B 248 -6.16 9.69 -2.97
C SER B 248 -5.54 8.82 -4.05
N LEU B 249 -4.25 9.00 -4.35
CA LEU B 249 -3.60 8.17 -5.35
C LEU B 249 -3.03 6.89 -4.79
N LEU B 250 -3.05 6.70 -3.47
CA LEU B 250 -2.55 5.46 -2.89
C LEU B 250 -3.24 4.20 -3.43
N PRO B 251 -4.54 4.16 -3.69
CA PRO B 251 -5.12 2.97 -4.34
C PRO B 251 -4.76 2.84 -5.80
N ALA B 252 -4.16 3.86 -6.41
CA ALA B 252 -3.66 3.73 -7.78
C ALA B 252 -2.22 3.22 -7.82
N LEU B 253 -1.50 3.31 -6.71
CA LEU B 253 -0.10 2.95 -6.65
C LEU B 253 0.10 1.46 -6.93
N CYS B 254 0.88 1.16 -7.96
CA CYS B 254 1.32 -0.21 -8.17
C CYS B 254 2.71 -0.46 -7.61
N ASP B 255 3.67 0.42 -7.87
CA ASP B 255 4.99 0.21 -7.30
C ASP B 255 5.80 1.49 -7.39
N SER B 256 6.91 1.50 -6.65
CA SER B 256 7.81 2.65 -6.57
C SER B 256 9.21 2.08 -6.46
N LYS B 257 9.99 2.22 -7.53
CA LYS B 257 11.22 1.46 -7.73
C LYS B 257 12.46 2.33 -7.57
N ILE B 258 13.55 1.68 -7.18
CA ILE B 258 14.89 2.26 -7.20
C ILE B 258 15.69 1.49 -8.23
N ARG B 259 16.08 2.18 -9.31
CA ARG B 259 16.85 1.53 -10.37
C ARG B 259 18.34 1.62 -10.05
N SER B 260 18.71 0.84 -9.03
CA SER B 260 20.05 0.85 -8.44
C SER B 260 21.14 0.67 -9.47
N LYS B 261 20.89 -0.09 -10.52
CA LYS B 261 22.00 -0.50 -11.36
C LYS B 261 22.31 0.46 -12.50
N ALA B 262 21.44 1.44 -12.77
CA ALA B 262 21.62 2.33 -13.91
C ALA B 262 22.62 3.43 -13.56
N LEU B 263 23.69 3.53 -14.34
CA LEU B 263 24.72 4.51 -14.05
C LEU B 263 24.56 5.75 -14.94
N GLY B 264 25.50 6.69 -14.77
CA GLY B 264 25.52 7.90 -15.56
C GLY B 264 25.45 9.18 -14.75
N SER B 265 25.31 9.05 -13.43
CA SER B 265 25.12 10.17 -12.53
C SER B 265 25.56 9.70 -11.16
N ASP B 266 25.56 10.61 -10.18
CA ASP B 266 25.73 10.13 -8.81
C ASP B 266 24.40 9.83 -8.13
N HIS B 267 23.29 10.09 -8.83
CA HIS B 267 21.96 9.59 -8.49
C HIS B 267 21.55 8.50 -9.46
N CYS B 268 20.75 7.55 -8.99
CA CYS B 268 20.13 6.57 -9.89
C CYS B 268 18.70 7.01 -10.18
N PRO B 269 18.08 6.46 -11.23
CA PRO B 269 16.67 6.80 -11.47
C PRO B 269 15.74 6.13 -10.48
N ILE B 270 14.55 6.71 -10.33
CA ILE B 270 13.44 6.06 -9.66
C ILE B 270 12.27 6.00 -10.63
N THR B 271 11.41 5.01 -10.44
CA THR B 271 10.31 4.78 -11.38
C THR B 271 9.02 4.49 -10.61
N LEU B 272 7.94 5.11 -11.07
CA LEU B 272 6.62 5.01 -10.46
C LEU B 272 5.65 4.37 -11.43
N TYR B 273 4.84 3.42 -10.93
CA TYR B 273 3.81 2.73 -11.70
C TYR B 273 2.45 3.09 -11.10
N LEU B 274 1.56 3.68 -11.91
CA LEU B 274 0.22 3.99 -11.44
C LEU B 274 -0.83 3.35 -12.34
N ALA B 275 -1.94 2.95 -11.74
CA ALA B 275 -3.12 2.50 -12.47
C ALA B 275 -4.15 3.61 -12.44
N LEU B 276 -4.23 4.37 -13.53
CA LEU B 276 -5.15 5.48 -13.59
C LEU B 276 -6.25 5.24 -14.61
#